data_4TS4
#
_entry.id   4TS4
#
_cell.length_a   104.665
_cell.length_b   53.878
_cell.length_c   60.632
_cell.angle_alpha   90.00
_cell.angle_beta   90.00
_cell.angle_gamma   90.00
#
_symmetry.space_group_name_H-M   'P 21 21 2'
#
loop_
_entity.id
_entity.type
_entity.pdbx_description
1 polymer '10-formyltetrahydrofolate dehydrogenase'
2 water water
#
_entity_poly.entity_id   1
_entity_poly.type   'polypeptide(L)'
_entity_poly.pdbx_seq_one_letter_code
;MKIAVIGQSLFGQEVYKELKNEGHMIVGVFTIPDKDGKVDPLAIEAEKDGVPVFKFPRWRLKGKAITEVVDQYKAVGAEL
NVLPFCSQFIPMEVIDHPKHGSIIYHPSLLPRHRGASAINWTLIHGDKKGGFTVFWADDGLDTGPILLQRECDVEPNDNV
NSIYKRFLFPEGVKGMVEAVRLIATGKAPRIKQPEEGATYECIQKKENSKIDWNQPAEAIHNWIRGNDRVPGAWAEIDGK
SVSFYGSTLLENDHFSSNGQPLEIPGASRAALVTKNGLVLFGNDGKMLLVKNLQFEDGKMIPGSQYFKAGVEHHHHHH
;
_entity_poly.pdbx_strand_id   A
#
# COMPACT_ATOMS: atom_id res chain seq x y z
N MET A 1 -22.18 14.84 8.49
CA MET A 1 -21.24 15.98 8.80
C MET A 1 -20.52 16.45 7.54
N LYS A 2 -19.88 17.62 7.65
CA LYS A 2 -19.14 18.22 6.54
C LYS A 2 -17.74 17.63 6.51
N ILE A 3 -17.41 16.94 5.41
CA ILE A 3 -16.14 16.23 5.32
C ILE A 3 -15.28 16.68 4.16
N ALA A 4 -13.99 16.87 4.41
CA ALA A 4 -13.03 17.02 3.33
C ALA A 4 -12.29 15.71 3.15
N VAL A 5 -12.23 15.22 1.92
CA VAL A 5 -11.45 14.02 1.62
C VAL A 5 -10.12 14.46 1.04
N ILE A 6 -9.05 14.13 1.75
CA ILE A 6 -7.69 14.49 1.35
C ILE A 6 -6.90 13.23 1.03
N GLY A 7 -6.73 12.94 -0.25
CA GLY A 7 -6.08 11.72 -0.64
C GLY A 7 -6.22 11.44 -2.13
N GLN A 8 -6.27 10.15 -2.47
CA GLN A 8 -6.24 9.75 -3.87
C GLN A 8 -6.45 8.25 -4.00
N SER A 9 -6.52 7.79 -5.24
CA SER A 9 -6.61 6.38 -5.60
C SER A 9 -8.05 5.88 -5.59
N LEU A 10 -8.26 4.67 -6.11
CA LEU A 10 -9.60 4.09 -6.14
C LEU A 10 -10.14 3.87 -4.74
N PHE A 11 -9.26 3.65 -3.78
CA PHE A 11 -9.66 3.53 -2.38
C PHE A 11 -10.23 4.86 -1.87
N GLY A 12 -9.54 5.95 -2.19
CA GLY A 12 -10.02 7.29 -1.89
C GLY A 12 -11.37 7.53 -2.53
N GLN A 13 -11.50 7.13 -3.79
CA GLN A 13 -12.77 7.31 -4.49
C GLN A 13 -13.89 6.54 -3.80
N GLU A 14 -13.64 5.29 -3.41
CA GLU A 14 -14.68 4.47 -2.79
C GLU A 14 -15.07 4.99 -1.41
N VAL A 15 -14.11 5.49 -0.65
CA VAL A 15 -14.41 6.07 0.65
C VAL A 15 -15.30 7.31 0.48
N TYR A 16 -14.92 8.15 -0.47
CA TYR A 16 -15.72 9.30 -0.85
C TYR A 16 -17.16 8.92 -1.22
N LYS A 17 -17.31 7.92 -2.10
CA LYS A 17 -18.63 7.51 -2.56
C LYS A 17 -19.48 7.00 -1.41
N GLU A 18 -18.89 6.18 -0.54
CA GLU A 18 -19.66 5.57 0.55
C GLU A 18 -20.05 6.60 1.62
N LEU A 19 -19.16 7.55 1.93
CA LEU A 19 -19.50 8.59 2.88
C LEU A 19 -20.63 9.46 2.31
N LYS A 20 -20.55 9.76 1.02
CA LYS A 20 -21.56 10.59 0.38
C LYS A 20 -22.93 9.90 0.43
N ASN A 21 -22.93 8.59 0.18
CA ASN A 21 -24.18 7.83 0.21
C ASN A 21 -24.72 7.59 1.62
N GLU A 22 -23.90 7.81 2.64
CA GLU A 22 -24.34 7.75 4.03
C GLU A 22 -24.90 9.11 4.45
N GLY A 23 -24.90 10.06 3.53
CA GLY A 23 -25.51 11.35 3.77
C GLY A 23 -24.58 12.45 4.25
N HIS A 24 -23.27 12.20 4.27
CA HIS A 24 -22.33 13.23 4.64
C HIS A 24 -22.18 14.21 3.49
N MET A 25 -21.89 15.46 3.84
CA MET A 25 -21.70 16.51 2.85
C MET A 25 -20.21 16.60 2.58
N ILE A 26 -19.77 16.15 1.40
CA ILE A 26 -18.36 16.27 1.05
C ILE A 26 -18.15 17.70 0.55
N VAL A 27 -17.48 18.51 1.37
CA VAL A 27 -17.30 19.92 1.06
C VAL A 27 -16.13 20.17 0.12
N GLY A 28 -15.26 19.18 -0.03
CA GLY A 28 -14.17 19.29 -0.98
C GLY A 28 -13.30 18.06 -1.03
N VAL A 29 -12.66 17.88 -2.17
CA VAL A 29 -11.70 16.79 -2.34
C VAL A 29 -10.35 17.40 -2.67
N PHE A 30 -9.32 16.94 -1.99
CA PHE A 30 -7.99 17.49 -2.15
C PHE A 30 -7.03 16.39 -2.53
N THR A 31 -6.67 16.34 -3.80
CA THR A 31 -5.89 15.24 -4.33
C THR A 31 -4.66 15.75 -5.07
N ILE A 32 -3.95 14.85 -5.74
CA ILE A 32 -2.76 15.23 -6.49
C ILE A 32 -3.08 15.72 -7.89
N PRO A 33 -2.17 16.51 -8.48
CA PRO A 33 -2.28 16.99 -9.86
C PRO A 33 -2.38 15.85 -10.88
N ASP A 34 -2.88 16.17 -12.07
CA ASP A 34 -2.96 15.20 -13.16
C ASP A 34 -1.57 14.67 -13.53
N LYS A 35 -1.54 13.51 -14.20
CA LYS A 35 -0.31 12.72 -14.31
C LYS A 35 0.28 12.47 -15.72
N ASP A 36 0.00 13.29 -16.74
CA ASP A 36 -1.02 14.33 -16.75
C ASP A 36 -2.20 13.80 -17.57
N GLY A 37 -1.98 12.70 -18.29
CA GLY A 37 -3.07 12.02 -18.98
C GLY A 37 -4.13 11.66 -17.95
N LYS A 38 -3.69 11.09 -16.84
CA LYS A 38 -4.61 10.59 -15.82
C LYS A 38 -5.02 11.64 -14.79
N VAL A 39 -6.33 11.83 -14.67
CA VAL A 39 -6.90 12.55 -13.54
C VAL A 39 -7.19 11.52 -12.45
N ASP A 40 -6.85 11.83 -11.21
CA ASP A 40 -7.04 10.85 -10.15
C ASP A 40 -8.51 10.47 -10.02
N PRO A 41 -8.79 9.17 -9.85
CA PRO A 41 -10.16 8.68 -9.73
C PRO A 41 -10.99 9.40 -8.67
N LEU A 42 -10.35 9.88 -7.60
CA LEU A 42 -11.08 10.61 -6.56
C LEU A 42 -11.60 11.92 -7.13
N ALA A 43 -10.77 12.57 -7.95
CA ALA A 43 -11.16 13.83 -8.57
C ALA A 43 -12.24 13.63 -9.63
N ILE A 44 -12.13 12.54 -10.37
CA ILE A 44 -13.10 12.24 -11.44
C ILE A 44 -14.50 12.10 -10.85
N GLU A 45 -14.62 11.35 -9.76
CA GLU A 45 -15.91 11.12 -9.15
C GLU A 45 -16.48 12.42 -8.55
N ALA A 46 -15.66 13.17 -7.84
CA ALA A 46 -16.11 14.39 -7.20
C ALA A 46 -16.60 15.42 -8.22
N GLU A 47 -15.89 15.53 -9.33
CA GLU A 47 -16.27 16.48 -10.37
C GLU A 47 -17.65 16.15 -10.95
N LYS A 48 -17.93 14.86 -11.13
CA LYS A 48 -19.24 14.44 -11.62
C LYS A 48 -20.34 14.89 -10.68
N ASP A 49 -20.02 14.93 -9.38
CA ASP A 49 -21.01 15.22 -8.36
C ASP A 49 -21.14 16.71 -8.06
N GLY A 50 -20.26 17.52 -8.65
CA GLY A 50 -20.29 18.95 -8.42
C GLY A 50 -19.61 19.33 -7.11
N VAL A 51 -18.82 18.41 -6.56
CA VAL A 51 -18.02 18.69 -5.37
C VAL A 51 -16.69 19.34 -5.77
N PRO A 52 -16.30 20.42 -5.07
CA PRO A 52 -15.04 21.13 -5.37
C PRO A 52 -13.82 20.22 -5.35
N VAL A 53 -13.00 20.32 -6.38
CA VAL A 53 -11.79 19.53 -6.48
C VAL A 53 -10.57 20.44 -6.42
N PHE A 54 -9.62 20.08 -5.58
CA PHE A 54 -8.39 20.82 -5.45
C PHE A 54 -7.24 19.88 -5.75
N LYS A 55 -6.26 20.38 -6.50
CA LYS A 55 -5.10 19.57 -6.87
C LYS A 55 -3.81 20.34 -6.60
N PHE A 56 -3.56 20.64 -5.33
CA PHE A 56 -2.36 21.39 -4.95
C PHE A 56 -1.11 20.57 -5.22
N PRO A 57 -0.13 21.17 -5.94
CA PRO A 57 1.14 20.47 -6.14
C PRO A 57 1.89 20.26 -4.83
N ARG A 58 1.65 21.16 -3.88
CA ARG A 58 2.27 21.05 -2.56
C ARG A 58 1.52 21.97 -1.60
N TRP A 59 1.61 21.67 -0.31
CA TRP A 59 0.93 22.46 0.71
C TRP A 59 1.88 23.35 1.49
N ARG A 60 3.18 23.09 1.35
CA ARG A 60 4.17 23.92 2.00
C ARG A 60 5.38 24.10 1.11
N LEU A 61 6.13 25.16 1.39
CA LEU A 61 7.29 25.50 0.61
C LEU A 61 8.37 25.97 1.56
N LYS A 62 9.55 25.39 1.44
CA LYS A 62 10.67 25.70 2.33
C LYS A 62 10.25 25.68 3.79
N GLY A 63 9.49 24.65 4.15
CA GLY A 63 9.16 24.39 5.55
C GLY A 63 7.92 25.10 6.06
N LYS A 64 7.37 26.02 5.27
CA LYS A 64 6.22 26.79 5.72
C LYS A 64 4.99 26.55 4.83
N ALA A 65 3.85 26.36 5.47
CA ALA A 65 2.59 26.10 4.77
C ALA A 65 2.29 27.23 3.80
N ILE A 66 1.90 26.89 2.58
CA ILE A 66 1.59 27.88 1.56
C ILE A 66 0.22 28.46 1.86
N THR A 67 0.18 29.79 1.96
CA THR A 67 -1.00 30.48 2.47
C THR A 67 -2.15 30.43 1.48
N GLU A 68 -1.85 30.50 0.19
CA GLU A 68 -2.91 30.51 -0.82
C GLU A 68 -3.68 29.19 -0.80
N VAL A 69 -2.98 28.09 -0.49
CA VAL A 69 -3.62 26.77 -0.49
C VAL A 69 -4.35 26.52 0.81
N VAL A 70 -3.74 26.91 1.92
CA VAL A 70 -4.35 26.68 3.22
C VAL A 70 -5.65 27.48 3.30
N ASP A 71 -5.65 28.66 2.69
CA ASP A 71 -6.87 29.47 2.63
C ASP A 71 -7.95 28.77 1.83
N GLN A 72 -7.60 28.29 0.64
CA GLN A 72 -8.54 27.55 -0.19
C GLN A 72 -9.12 26.36 0.58
N TYR A 73 -8.26 25.66 1.32
CA TYR A 73 -8.71 24.51 2.09
C TYR A 73 -9.70 24.90 3.17
N LYS A 74 -9.36 25.93 3.95
CA LYS A 74 -10.19 26.34 5.08
C LYS A 74 -11.56 26.82 4.64
N ALA A 75 -11.60 27.44 3.47
CA ALA A 75 -12.82 28.04 2.96
C ALA A 75 -13.98 27.04 2.87
N VAL A 76 -13.69 25.76 2.65
CA VAL A 76 -14.75 24.79 2.43
C VAL A 76 -15.43 24.35 3.73
N GLY A 77 -14.86 24.73 4.88
CA GLY A 77 -15.51 24.52 6.16
C GLY A 77 -15.72 23.08 6.59
N ALA A 78 -14.70 22.22 6.44
CA ALA A 78 -14.85 20.84 6.83
C ALA A 78 -14.99 20.70 8.35
N GLU A 79 -15.79 19.73 8.78
CA GLU A 79 -15.91 19.38 10.20
C GLU A 79 -15.00 18.20 10.53
N LEU A 80 -14.58 17.48 9.50
CA LEU A 80 -13.66 16.35 9.63
C LEU A 80 -12.88 16.18 8.34
N ASN A 81 -11.58 15.97 8.45
CA ASN A 81 -10.79 15.52 7.32
C ASN A 81 -10.67 14.02 7.35
N VAL A 82 -10.83 13.40 6.20
CA VAL A 82 -10.61 11.97 6.03
C VAL A 82 -9.48 11.77 5.02
N LEU A 83 -8.46 11.01 5.40
CA LEU A 83 -7.26 10.82 4.57
C LEU A 83 -7.06 9.36 4.15
N PRO A 84 -7.64 8.97 3.01
CA PRO A 84 -7.66 7.59 2.52
C PRO A 84 -6.29 7.02 2.14
N PHE A 85 -5.61 7.61 1.16
CA PHE A 85 -4.24 7.21 0.82
C PHE A 85 -3.43 8.45 0.46
N CYS A 86 -3.26 9.34 1.42
CA CYS A 86 -2.69 10.64 1.13
C CYS A 86 -1.18 10.54 0.89
N SER A 87 -0.74 11.00 -0.28
CA SER A 87 0.68 10.93 -0.64
C SER A 87 1.40 12.24 -0.34
N GLN A 88 0.64 13.26 0.02
CA GLN A 88 1.18 14.60 0.23
C GLN A 88 1.42 14.88 1.71
N PHE A 89 2.34 15.79 1.99
CA PHE A 89 2.52 16.27 3.36
C PHE A 89 1.45 17.30 3.65
N ILE A 90 0.64 17.03 4.67
CA ILE A 90 -0.44 17.92 5.04
C ILE A 90 -0.04 18.69 6.29
N PRO A 91 0.01 20.03 6.18
CA PRO A 91 0.37 20.90 7.31
C PRO A 91 -0.55 20.68 8.51
N MET A 92 0.00 20.76 9.72
CA MET A 92 -0.79 20.53 10.92
C MET A 92 -1.89 21.59 11.06
N GLU A 93 -1.69 22.76 10.46
CA GLU A 93 -2.75 23.77 10.40
C GLU A 93 -4.00 23.20 9.76
N VAL A 94 -3.79 22.38 8.73
CA VAL A 94 -4.88 21.74 8.00
C VAL A 94 -5.43 20.55 8.78
N ILE A 95 -4.53 19.69 9.24
CA ILE A 95 -4.91 18.51 10.00
C ILE A 95 -5.80 18.86 11.19
N ASP A 96 -5.45 19.95 11.88
CA ASP A 96 -6.08 20.35 13.14
C ASP A 96 -7.27 21.30 12.94
N HIS A 97 -7.44 21.79 11.72
CA HIS A 97 -8.46 22.81 11.44
C HIS A 97 -9.88 22.41 11.77
N PRO A 98 -10.31 21.23 11.30
CA PRO A 98 -11.73 20.89 11.51
C PRO A 98 -12.11 20.61 12.97
N LYS A 99 -13.40 20.72 13.28
CA LYS A 99 -13.92 20.42 14.60
C LYS A 99 -13.39 19.11 15.15
N HIS A 100 -13.39 18.08 14.30
CA HIS A 100 -13.05 16.73 14.72
C HIS A 100 -11.62 16.35 14.31
N GLY A 101 -10.87 17.31 13.82
CA GLY A 101 -9.52 17.05 13.34
C GLY A 101 -9.54 16.17 12.12
N SER A 102 -8.63 15.21 12.08
CA SER A 102 -8.47 14.36 10.89
C SER A 102 -8.30 12.91 11.28
N ILE A 103 -8.88 12.01 10.48
CA ILE A 103 -8.59 10.59 10.62
C ILE A 103 -7.91 10.05 9.37
N ILE A 104 -7.06 9.06 9.59
CA ILE A 104 -6.24 8.47 8.54
C ILE A 104 -6.46 6.97 8.47
N TYR A 105 -6.55 6.43 7.25
CA TYR A 105 -6.54 4.99 7.04
C TYR A 105 -5.12 4.51 6.88
N HIS A 106 -4.78 3.45 7.60
CA HIS A 106 -3.44 2.89 7.49
C HIS A 106 -3.51 1.37 7.44
N PRO A 107 -2.96 0.78 6.36
CA PRO A 107 -3.14 -0.66 6.16
C PRO A 107 -2.18 -1.54 6.96
N SER A 108 -2.06 -1.30 8.27
CA SER A 108 -1.39 -2.25 9.13
C SER A 108 -1.96 -2.18 10.51
N LEU A 109 -1.55 -3.12 11.35
CA LEU A 109 -1.99 -3.16 12.74
C LEU A 109 -1.06 -2.30 13.59
N LEU A 110 -1.35 -1.00 13.60
CA LEU A 110 -0.51 -0.07 14.34
C LEU A 110 -0.48 -0.51 15.79
N PRO A 111 0.68 -0.38 16.45
CA PRO A 111 1.84 0.43 16.04
C PRO A 111 2.84 -0.26 15.11
N ARG A 112 2.58 -1.49 14.71
CA ARG A 112 3.48 -2.18 13.79
C ARG A 112 3.34 -1.62 12.38
N HIS A 113 4.46 -1.51 11.69
CA HIS A 113 4.51 -1.03 10.30
C HIS A 113 3.96 0.37 10.07
N ARG A 114 4.44 1.34 10.83
CA ARG A 114 4.27 2.73 10.45
C ARG A 114 5.00 2.94 9.11
N GLY A 115 4.49 3.84 8.28
CA GLY A 115 5.13 4.14 7.01
C GLY A 115 4.27 3.80 5.80
N ALA A 116 4.64 4.33 4.65
CA ALA A 116 3.79 4.30 3.46
C ALA A 116 3.77 2.96 2.70
N SER A 117 4.65 2.02 3.06
CA SER A 117 4.68 0.71 2.40
C SER A 117 4.37 -0.39 3.40
N ALA A 118 3.46 -0.09 4.32
CA ALA A 118 3.12 -1.00 5.40
C ALA A 118 2.63 -2.37 4.91
N ILE A 119 1.85 -2.38 3.82
CA ILE A 119 1.37 -3.66 3.28
C ILE A 119 2.55 -4.50 2.80
N ASN A 120 3.49 -3.88 2.10
CA ASN A 120 4.66 -4.58 1.61
C ASN A 120 5.40 -5.22 2.76
N TRP A 121 5.64 -4.44 3.82
CA TRP A 121 6.43 -4.93 4.92
C TRP A 121 5.72 -5.98 5.76
N THR A 122 4.39 -5.91 5.82
CA THR A 122 3.62 -6.97 6.45
C THR A 122 3.99 -8.30 5.82
N LEU A 123 4.15 -8.31 4.51
CA LEU A 123 4.42 -9.55 3.79
C LEU A 123 5.91 -9.88 3.75
N ILE A 124 6.74 -8.87 3.53
CA ILE A 124 8.17 -9.08 3.50
C ILE A 124 8.65 -9.75 4.80
N HIS A 125 8.11 -9.29 5.92
CA HIS A 125 8.47 -9.83 7.23
C HIS A 125 7.79 -11.16 7.55
N GLY A 126 6.87 -11.57 6.69
CA GLY A 126 6.18 -12.86 6.87
C GLY A 126 5.20 -12.86 8.03
N ASP A 127 4.58 -11.71 8.30
CA ASP A 127 3.60 -11.63 9.38
C ASP A 127 2.45 -12.60 9.14
N LYS A 128 1.94 -13.19 10.21
CA LYS A 128 0.83 -14.14 10.08
C LYS A 128 -0.52 -13.46 10.17
N LYS A 129 -0.57 -12.30 10.83
CA LYS A 129 -1.76 -11.47 10.88
C LYS A 129 -1.45 -10.11 10.29
N GLY A 130 -2.45 -9.52 9.67
CA GLY A 130 -2.34 -8.18 9.15
C GLY A 130 -3.64 -7.47 9.40
N GLY A 131 -3.82 -6.34 8.76
CA GLY A 131 -5.08 -5.61 8.87
C GLY A 131 -4.91 -4.14 8.69
N PHE A 132 -5.87 -3.36 9.19
CA PHE A 132 -5.78 -1.93 9.05
C PHE A 132 -6.19 -1.22 10.31
N THR A 133 -5.82 0.04 10.38
CA THR A 133 -6.15 0.89 11.49
C THR A 133 -6.73 2.18 10.97
N VAL A 134 -7.75 2.70 11.65
CA VAL A 134 -8.18 4.07 11.44
C VAL A 134 -7.77 4.83 12.70
N PHE A 135 -7.00 5.89 12.53
CA PHE A 135 -6.47 6.61 13.67
C PHE A 135 -6.57 8.12 13.48
N TRP A 136 -6.52 8.83 14.59
CA TRP A 136 -6.59 10.28 14.58
C TRP A 136 -5.21 10.83 14.29
N ALA A 137 -5.12 11.68 13.27
CA ALA A 137 -3.82 12.24 12.89
C ALA A 137 -3.24 13.13 13.98
N ASP A 138 -1.95 12.94 14.25
CA ASP A 138 -1.20 13.92 15.04
C ASP A 138 0.04 14.32 14.24
N ASP A 139 1.02 14.95 14.87
CA ASP A 139 2.13 15.53 14.11
C ASP A 139 3.17 14.50 13.68
N GLY A 140 3.17 13.32 14.29
CA GLY A 140 4.11 12.29 13.94
C GLY A 140 3.68 11.46 12.75
N LEU A 141 4.48 10.45 12.44
CA LEU A 141 4.19 9.56 11.32
C LEU A 141 3.48 8.32 11.82
N ASP A 142 2.17 8.29 11.62
CA ASP A 142 1.35 7.11 11.91
C ASP A 142 1.38 6.81 13.40
N THR A 143 1.43 7.87 14.20
CA THR A 143 1.61 7.78 15.65
C THR A 143 0.34 8.11 16.47
N GLY A 144 -0.67 8.65 15.80
CA GLY A 144 -1.86 9.15 16.48
C GLY A 144 -2.67 8.05 17.13
N PRO A 145 -3.56 8.43 18.07
CA PRO A 145 -4.34 7.44 18.79
C PRO A 145 -5.32 6.69 17.90
N ILE A 146 -5.55 5.43 18.24
CA ILE A 146 -6.37 4.53 17.45
C ILE A 146 -7.85 4.77 17.70
N LEU A 147 -8.61 4.85 16.62
CA LEU A 147 -10.06 4.91 16.69
C LEU A 147 -10.62 3.50 16.58
N LEU A 148 -10.26 2.79 15.50
CA LEU A 148 -10.60 1.37 15.41
C LEU A 148 -9.51 0.61 14.63
N GLN A 149 -9.51 -0.71 14.79
CA GLN A 149 -8.55 -1.58 14.12
C GLN A 149 -9.24 -2.88 13.72
N ARG A 150 -8.86 -3.43 12.56
CA ARG A 150 -9.48 -4.66 12.07
C ARG A 150 -8.40 -5.60 11.55
N GLU A 151 -8.50 -6.87 11.92
CA GLU A 151 -7.48 -7.84 11.59
C GLU A 151 -7.90 -8.82 10.51
N CYS A 152 -6.90 -9.38 9.84
CA CYS A 152 -7.13 -10.49 8.92
C CYS A 152 -5.94 -11.42 8.98
N ASP A 153 -6.15 -12.65 8.54
CA ASP A 153 -5.05 -13.59 8.39
C ASP A 153 -4.27 -13.24 7.12
N VAL A 154 -2.95 -13.40 7.18
CA VAL A 154 -2.12 -13.31 5.99
C VAL A 154 -1.94 -14.73 5.46
N GLU A 155 -2.26 -14.95 4.18
CA GLU A 155 -2.13 -16.28 3.61
C GLU A 155 -0.68 -16.47 3.16
N PRO A 156 -0.20 -17.72 3.19
CA PRO A 156 1.23 -18.00 2.94
C PRO A 156 1.70 -17.50 1.57
N ASN A 157 0.80 -17.47 0.60
CA ASN A 157 1.14 -16.98 -0.74
C ASN A 157 0.47 -15.65 -1.10
N ASP A 158 -0.07 -14.96 -0.11
CA ASP A 158 -0.59 -13.61 -0.35
C ASP A 158 0.52 -12.74 -0.95
N ASN A 159 0.17 -11.94 -1.96
CA ASN A 159 1.03 -10.84 -2.37
C ASN A 159 0.33 -9.54 -2.02
N VAL A 160 0.92 -8.40 -2.38
CA VAL A 160 0.33 -7.13 -1.98
C VAL A 160 -1.06 -7.03 -2.58
N ASN A 161 -1.18 -7.44 -3.83
CA ASN A 161 -2.44 -7.26 -4.53
C ASN A 161 -3.56 -8.11 -3.93
N SER A 162 -3.24 -9.34 -3.55
CA SER A 162 -4.30 -10.25 -3.09
C SER A 162 -4.83 -9.88 -1.72
N ILE A 163 -3.96 -9.53 -0.79
CA ILE A 163 -4.42 -9.17 0.55
C ILE A 163 -5.15 -7.81 0.50
N TYR A 164 -4.70 -6.92 -0.36
CA TYR A 164 -5.37 -5.63 -0.55
C TYR A 164 -6.78 -5.84 -1.11
N LYS A 165 -6.88 -6.59 -2.21
CA LYS A 165 -8.18 -6.81 -2.85
C LYS A 165 -9.16 -7.57 -1.95
N ARG A 166 -8.65 -8.60 -1.26
CA ARG A 166 -9.50 -9.47 -0.45
C ARG A 166 -10.02 -8.79 0.82
N PHE A 167 -9.14 -8.05 1.50
CA PHE A 167 -9.48 -7.50 2.81
C PHE A 167 -9.24 -6.00 2.99
N LEU A 168 -7.99 -5.56 2.80
CA LEU A 168 -7.62 -4.19 3.18
C LEU A 168 -8.45 -3.13 2.45
N PHE A 169 -8.76 -3.37 1.18
CA PHE A 169 -9.59 -2.43 0.43
C PHE A 169 -11.05 -2.48 0.87
N PRO A 170 -11.74 -3.61 0.65
CA PRO A 170 -13.18 -3.56 0.96
C PRO A 170 -13.51 -3.34 2.44
N GLU A 171 -12.73 -3.94 3.34
CA GLU A 171 -13.00 -3.78 4.77
C GLU A 171 -12.48 -2.43 5.26
N GLY A 172 -11.45 -1.93 4.60
CA GLY A 172 -10.95 -0.61 4.90
C GLY A 172 -11.99 0.46 4.63
N VAL A 173 -12.70 0.32 3.51
CA VAL A 173 -13.76 1.27 3.18
C VAL A 173 -14.83 1.25 4.25
N LYS A 174 -15.28 0.05 4.61
CA LYS A 174 -16.27 -0.09 5.66
C LYS A 174 -15.77 0.52 6.95
N GLY A 175 -14.50 0.29 7.25
CA GLY A 175 -13.91 0.79 8.48
C GLY A 175 -13.90 2.30 8.55
N MET A 176 -13.62 2.95 7.44
CA MET A 176 -13.61 4.41 7.40
C MET A 176 -15.05 4.93 7.59
N VAL A 177 -16.01 4.27 6.94
CA VAL A 177 -17.41 4.65 7.09
C VAL A 177 -17.87 4.48 8.55
N GLU A 178 -17.51 3.36 9.16
CA GLU A 178 -17.87 3.13 10.56
C GLU A 178 -17.21 4.15 11.48
N ALA A 179 -15.94 4.47 11.21
CA ALA A 179 -15.25 5.46 12.02
C ALA A 179 -15.98 6.79 12.01
N VAL A 180 -16.40 7.24 10.84
CA VAL A 180 -17.06 8.53 10.72
C VAL A 180 -18.40 8.48 11.46
N ARG A 181 -19.07 7.34 11.37
CA ARG A 181 -20.32 7.11 12.10
C ARG A 181 -20.12 7.29 13.61
N LEU A 182 -19.04 6.70 14.14
CA LEU A 182 -18.76 6.80 15.57
C LEU A 182 -18.40 8.23 15.97
N ILE A 183 -17.79 8.97 15.07
CA ILE A 183 -17.45 10.35 15.34
C ILE A 183 -18.73 11.18 15.37
N ALA A 184 -19.64 10.90 14.47
CA ALA A 184 -20.90 11.65 14.40
C ALA A 184 -21.70 11.51 15.69
N THR A 185 -21.47 10.42 16.42
CA THR A 185 -22.19 10.14 17.66
C THR A 185 -21.40 10.47 18.94
N GLY A 186 -20.20 11.01 18.80
CA GLY A 186 -19.37 11.33 19.96
C GLY A 186 -18.80 10.11 20.64
N LYS A 187 -19.03 8.93 20.05
CA LYS A 187 -18.61 7.68 20.68
C LYS A 187 -17.21 7.23 20.31
N ALA A 188 -16.63 7.82 19.26
CA ALA A 188 -15.33 7.37 18.79
C ALA A 188 -14.27 7.55 19.88
N PRO A 189 -13.47 6.49 20.14
CA PRO A 189 -12.43 6.59 21.18
C PRO A 189 -11.12 7.12 20.62
N ARG A 190 -10.17 7.32 21.52
CA ARG A 190 -8.82 7.74 21.17
C ARG A 190 -7.90 6.89 22.01
N ILE A 191 -7.54 5.73 21.48
CA ILE A 191 -6.74 4.77 22.20
C ILE A 191 -5.28 5.03 21.90
N LYS A 192 -4.55 5.53 22.88
CA LYS A 192 -3.14 5.83 22.68
C LYS A 192 -2.45 4.56 22.21
N GLN A 193 -1.65 4.68 21.16
CA GLN A 193 -0.91 3.54 20.67
C GLN A 193 0.07 3.02 21.72
N PRO A 194 0.10 1.70 21.91
CA PRO A 194 1.13 1.15 22.79
C PRO A 194 2.51 1.36 22.21
N GLU A 195 3.52 1.43 23.08
CA GLU A 195 4.90 1.52 22.65
C GLU A 195 5.39 0.19 22.11
N GLU A 196 5.02 -0.90 22.79
CA GLU A 196 5.47 -2.23 22.41
C GLU A 196 4.93 -2.60 21.03
N GLY A 197 5.83 -2.95 20.11
CA GLY A 197 5.44 -3.39 18.79
C GLY A 197 5.64 -2.33 17.72
N ALA A 198 5.96 -1.10 18.12
CA ALA A 198 6.10 -0.03 17.13
C ALA A 198 7.28 -0.31 16.19
N THR A 199 7.03 -0.22 14.90
CA THR A 199 8.10 -0.29 13.91
C THR A 199 7.85 0.69 12.79
N TYR A 200 8.94 1.07 12.13
CA TYR A 200 8.92 1.85 10.90
C TYR A 200 9.72 1.09 9.87
N GLU A 201 9.27 1.13 8.62
CA GLU A 201 10.07 0.65 7.51
C GLU A 201 10.06 1.66 6.38
N CYS A 202 11.05 1.55 5.52
CA CYS A 202 11.23 2.51 4.45
C CYS A 202 10.16 2.34 3.38
N ILE A 203 10.08 3.30 2.48
CA ILE A 203 9.14 3.23 1.38
C ILE A 203 9.73 2.38 0.27
N GLN A 204 8.93 1.43 -0.23
CA GLN A 204 9.39 0.54 -1.29
C GLN A 204 9.27 1.19 -2.67
N LYS A 205 10.41 1.31 -3.34
CA LYS A 205 10.46 1.78 -4.72
C LYS A 205 11.23 0.73 -5.50
N LYS A 206 11.26 0.88 -6.83
CA LYS A 206 11.92 -0.12 -7.66
C LYS A 206 13.34 -0.32 -7.15
N GLU A 207 14.04 0.79 -6.96
CA GLU A 207 15.45 0.75 -6.63
C GLU A 207 15.73 -0.20 -5.47
N ASN A 208 14.97 -0.07 -4.39
CA ASN A 208 15.24 -0.85 -3.19
C ASN A 208 14.41 -2.13 -3.06
N SER A 209 13.85 -2.60 -4.17
CA SER A 209 13.14 -3.87 -4.17
C SER A 209 13.99 -4.95 -4.85
N LYS A 210 15.27 -4.64 -5.08
CA LYS A 210 16.20 -5.61 -5.64
C LYS A 210 16.33 -6.79 -4.71
N ILE A 211 16.39 -7.99 -5.28
CA ILE A 211 16.47 -9.21 -4.51
C ILE A 211 17.86 -9.44 -3.95
N ASP A 212 17.88 -9.68 -2.65
CA ASP A 212 19.06 -10.17 -1.99
C ASP A 212 19.01 -11.70 -1.96
N TRP A 213 19.91 -12.36 -2.67
CA TRP A 213 19.83 -13.81 -2.82
C TRP A 213 20.37 -14.58 -1.62
N ASN A 214 21.12 -13.92 -0.74
CA ASN A 214 21.81 -14.60 0.36
C ASN A 214 20.86 -14.74 1.56
N GLN A 215 19.72 -15.36 1.32
CA GLN A 215 18.69 -15.62 2.34
C GLN A 215 18.03 -16.97 2.05
N PRO A 216 17.35 -17.55 3.05
CA PRO A 216 16.60 -18.79 2.80
C PRO A 216 15.46 -18.59 1.82
N ALA A 217 15.03 -19.67 1.17
CA ALA A 217 13.96 -19.57 0.18
C ALA A 217 12.73 -18.86 0.74
N GLU A 218 12.37 -19.15 1.98
CA GLU A 218 11.17 -18.55 2.56
C GLU A 218 11.26 -17.03 2.61
N ALA A 219 12.43 -16.50 2.93
CA ALA A 219 12.62 -15.05 2.98
C ALA A 219 12.57 -14.43 1.58
N ILE A 220 13.08 -15.17 0.59
CA ILE A 220 13.05 -14.66 -0.78
C ILE A 220 11.60 -14.65 -1.27
N HIS A 221 10.87 -15.72 -0.95
CA HIS A 221 9.46 -15.81 -1.28
C HIS A 221 8.68 -14.63 -0.67
N ASN A 222 8.93 -14.33 0.59
CA ASN A 222 8.29 -13.21 1.25
C ASN A 222 8.65 -11.87 0.61
N TRP A 223 9.92 -11.75 0.20
CA TRP A 223 10.38 -10.53 -0.45
C TRP A 223 9.68 -10.33 -1.78
N ILE A 224 9.61 -11.39 -2.59
CA ILE A 224 8.98 -11.28 -3.89
C ILE A 224 7.50 -10.94 -3.74
N ARG A 225 6.80 -11.69 -2.89
CA ARG A 225 5.36 -11.49 -2.77
C ARG A 225 5.04 -10.14 -2.12
N GLY A 226 5.91 -9.70 -1.21
CA GLY A 226 5.76 -8.42 -0.56
C GLY A 226 6.02 -7.22 -1.46
N ASN A 227 6.48 -7.46 -2.68
CA ASN A 227 6.69 -6.39 -3.66
C ASN A 227 5.90 -6.62 -4.96
N ASP A 228 4.96 -7.56 -4.90
CA ASP A 228 4.19 -8.02 -6.05
C ASP A 228 2.76 -7.51 -5.87
N ARG A 229 2.27 -6.65 -6.75
CA ARG A 229 2.87 -6.35 -8.06
C ARG A 229 3.74 -5.11 -8.10
N VAL A 230 3.56 -4.20 -7.16
CA VAL A 230 4.40 -3.01 -7.15
C VAL A 230 5.18 -2.90 -5.85
N PRO A 231 6.45 -2.49 -5.95
CA PRO A 231 7.07 -2.06 -7.20
C PRO A 231 7.62 -3.18 -8.08
N GLY A 232 7.58 -4.41 -7.59
CA GLY A 232 8.11 -5.54 -8.35
C GLY A 232 9.55 -5.87 -7.98
N ALA A 233 9.73 -6.94 -7.21
CA ALA A 233 11.08 -7.39 -6.85
C ALA A 233 11.80 -7.80 -8.12
N TRP A 234 13.10 -7.55 -8.17
CA TRP A 234 13.87 -7.80 -9.39
C TRP A 234 15.33 -8.19 -9.15
N ALA A 235 15.93 -8.75 -10.19
CA ALA A 235 17.33 -9.12 -10.20
C ALA A 235 17.83 -8.97 -11.62
N GLU A 236 19.14 -8.85 -11.75
CA GLU A 236 19.75 -8.81 -13.06
C GLU A 236 19.83 -10.25 -13.58
N ILE A 237 19.35 -10.47 -14.80
CA ILE A 237 19.60 -11.73 -15.51
C ILE A 237 20.11 -11.42 -16.90
N ASP A 238 21.22 -12.01 -17.28
CA ASP A 238 21.80 -11.80 -18.60
C ASP A 238 21.86 -10.31 -18.94
N GLY A 239 22.33 -9.52 -17.97
CA GLY A 239 22.61 -8.11 -18.20
C GLY A 239 21.40 -7.19 -18.14
N LYS A 240 20.20 -7.74 -17.99
CA LYS A 240 19.01 -6.91 -17.90
C LYS A 240 18.24 -7.14 -16.61
N SER A 241 17.47 -6.12 -16.21
CA SER A 241 16.66 -6.19 -15.01
C SER A 241 15.39 -6.99 -15.27
N VAL A 242 15.20 -8.05 -14.49
CA VAL A 242 14.04 -8.92 -14.62
C VAL A 242 13.25 -8.89 -13.32
N SER A 243 11.94 -8.63 -13.40
CA SER A 243 11.10 -8.63 -12.21
C SER A 243 10.35 -9.96 -12.07
N PHE A 244 10.04 -10.32 -10.82
CA PHE A 244 9.45 -11.62 -10.48
C PHE A 244 8.11 -11.45 -9.80
N TYR A 245 7.11 -12.20 -10.28
CA TYR A 245 5.76 -12.14 -9.74
C TYR A 245 5.16 -13.53 -9.59
N GLY A 246 4.29 -13.70 -8.60
CA GLY A 246 3.58 -14.95 -8.43
C GLY A 246 4.45 -16.04 -7.83
N SER A 247 4.91 -15.79 -6.61
CA SER A 247 5.79 -16.73 -5.94
C SER A 247 5.02 -17.72 -5.08
N THR A 248 5.51 -18.95 -5.03
CA THR A 248 5.07 -19.93 -4.06
C THR A 248 6.27 -20.75 -3.61
N LEU A 249 6.23 -21.25 -2.38
CA LEU A 249 7.29 -22.16 -1.91
C LEU A 249 7.06 -23.56 -2.45
N LEU A 250 8.17 -24.27 -2.64
CA LEU A 250 8.15 -25.59 -3.25
C LEU A 250 8.67 -26.66 -2.29
N GLU A 251 8.12 -27.85 -2.48
CA GLU A 251 8.61 -29.05 -1.83
C GLU A 251 9.35 -29.94 -2.83
N ASN A 252 9.56 -31.19 -2.41
CA ASN A 252 10.22 -32.30 -3.15
C ASN A 252 9.59 -33.61 -3.65
N ASP A 253 9.79 -34.00 -4.92
CA ASP A 253 9.44 -35.38 -5.32
C ASP A 253 9.96 -35.81 -6.71
N HIS A 254 10.78 -36.86 -6.73
CA HIS A 254 11.57 -37.26 -7.90
C HIS A 254 11.29 -38.72 -8.32
N PHE A 255 11.02 -38.98 -9.60
CA PHE A 255 10.87 -37.97 -10.67
C PHE A 255 9.61 -37.21 -11.14
N SER A 256 9.74 -35.91 -11.39
CA SER A 256 9.26 -35.39 -12.70
C SER A 256 10.08 -34.38 -13.56
N SER A 257 11.05 -33.63 -13.05
CA SER A 257 11.37 -32.40 -13.83
C SER A 257 12.77 -31.80 -14.20
N ASN A 258 13.43 -32.39 -15.18
CA ASN A 258 13.79 -31.69 -16.45
C ASN A 258 13.89 -30.14 -16.76
N GLY A 259 14.13 -29.24 -15.79
CA GLY A 259 14.22 -27.83 -16.16
C GLY A 259 15.50 -27.46 -16.90
N GLN A 260 15.50 -26.30 -17.56
CA GLN A 260 16.69 -25.78 -18.23
C GLN A 260 17.38 -24.77 -17.30
N PRO A 261 18.68 -24.98 -17.03
CA PRO A 261 19.42 -24.10 -16.11
C PRO A 261 19.45 -22.67 -16.59
N LEU A 262 19.33 -21.75 -15.64
CA LEU A 262 19.42 -20.33 -15.91
C LEU A 262 20.29 -19.69 -14.85
N GLU A 263 21.42 -19.14 -15.28
CA GLU A 263 22.32 -18.46 -14.36
C GLU A 263 21.73 -17.11 -13.96
N ILE A 264 21.78 -16.83 -12.66
CA ILE A 264 21.37 -15.55 -12.12
C ILE A 264 22.47 -15.07 -11.19
N PRO A 265 23.17 -14.00 -11.58
CA PRO A 265 24.29 -13.50 -10.77
C PRO A 265 23.91 -13.28 -9.31
N GLY A 266 24.62 -13.94 -8.42
CA GLY A 266 24.39 -13.79 -7.00
C GLY A 266 23.54 -14.89 -6.38
N ALA A 267 22.82 -15.64 -7.20
CA ALA A 267 21.96 -16.71 -6.70
C ALA A 267 22.82 -17.80 -6.08
N SER A 268 22.33 -18.43 -5.01
CA SER A 268 23.12 -19.44 -4.30
C SER A 268 23.50 -20.59 -5.23
N ARG A 269 22.62 -20.87 -6.18
CA ARG A 269 22.93 -21.73 -7.29
C ARG A 269 21.99 -21.39 -8.44
N ALA A 270 22.28 -21.89 -9.63
CA ALA A 270 21.53 -21.55 -10.82
C ALA A 270 20.05 -21.88 -10.68
N ALA A 271 19.22 -21.05 -11.29
CA ALA A 271 17.79 -21.30 -11.32
C ALA A 271 17.46 -22.36 -12.36
N LEU A 272 16.20 -22.80 -12.36
CA LEU A 272 15.74 -23.79 -13.33
C LEU A 272 14.45 -23.34 -14.01
N VAL A 273 14.49 -23.17 -15.32
CA VAL A 273 13.26 -22.89 -16.07
C VAL A 273 12.50 -24.19 -16.28
N THR A 274 11.31 -24.27 -15.72
CA THR A 274 10.49 -25.49 -15.79
C THR A 274 9.13 -25.21 -16.40
N LYS A 275 8.40 -26.28 -16.72
CA LYS A 275 7.09 -26.13 -17.35
C LYS A 275 6.13 -25.29 -16.52
N ASN A 276 6.33 -25.26 -15.20
CA ASN A 276 5.41 -24.57 -14.31
C ASN A 276 5.91 -23.21 -13.85
N GLY A 277 7.11 -22.83 -14.28
CA GLY A 277 7.65 -21.54 -13.89
C GLY A 277 9.13 -21.59 -13.59
N LEU A 278 9.63 -20.49 -13.06
CA LEU A 278 11.04 -20.39 -12.72
C LEU A 278 11.29 -20.83 -11.29
N VAL A 279 12.05 -21.90 -11.16
CA VAL A 279 12.46 -22.40 -9.86
C VAL A 279 13.73 -21.67 -9.43
N LEU A 280 13.66 -21.06 -8.26
CA LEU A 280 14.77 -20.34 -7.65
C LEU A 280 15.18 -21.03 -6.34
N PHE A 281 16.45 -20.90 -5.99
CA PHE A 281 16.98 -21.50 -4.77
C PHE A 281 17.37 -20.44 -3.75
N GLY A 282 17.09 -20.72 -2.48
CA GLY A 282 17.56 -19.89 -1.39
C GLY A 282 18.91 -20.40 -0.94
N ASN A 283 19.53 -19.73 0.03
CA ASN A 283 20.86 -20.15 0.50
C ASN A 283 20.81 -21.39 1.38
N ASP A 284 19.60 -21.84 1.68
CA ASP A 284 19.41 -23.11 2.38
C ASP A 284 19.19 -24.25 1.40
N GLY A 285 19.23 -23.93 0.11
CA GLY A 285 19.02 -24.92 -0.93
C GLY A 285 17.57 -25.26 -1.15
N LYS A 286 16.68 -24.61 -0.42
CA LYS A 286 15.26 -24.86 -0.58
C LYS A 286 14.75 -24.02 -1.76
N MET A 287 13.55 -24.34 -2.24
CA MET A 287 13.12 -23.80 -3.51
C MET A 287 11.84 -22.98 -3.41
N LEU A 288 11.70 -22.03 -4.34
CA LEU A 288 10.42 -21.36 -4.56
C LEU A 288 10.20 -21.32 -6.07
N LEU A 289 8.95 -21.15 -6.47
CA LEU A 289 8.55 -21.16 -7.86
C LEU A 289 7.93 -19.81 -8.22
N VAL A 290 8.44 -19.19 -9.28
CA VAL A 290 7.93 -17.90 -9.73
C VAL A 290 7.18 -18.06 -11.05
N LYS A 291 5.91 -17.66 -11.12
CA LYS A 291 5.09 -17.95 -12.31
C LYS A 291 5.32 -17.01 -13.45
N ASN A 292 5.61 -15.75 -13.12
CA ASN A 292 5.70 -14.71 -14.12
C ASN A 292 6.92 -13.84 -13.97
N LEU A 293 7.44 -13.40 -15.12
CA LEU A 293 8.60 -12.55 -15.17
C LEU A 293 8.27 -11.32 -16.00
N GLN A 294 9.06 -10.28 -15.82
CA GLN A 294 8.84 -9.06 -16.56
C GLN A 294 10.16 -8.36 -16.89
N PHE A 295 10.36 -7.99 -18.15
CA PHE A 295 11.52 -7.19 -18.54
C PHE A 295 11.19 -5.70 -18.51
N GLU A 296 12.21 -4.84 -18.49
CA GLU A 296 12.01 -3.40 -18.35
C GLU A 296 10.83 -2.96 -19.22
N ASP A 297 9.96 -2.12 -18.68
CA ASP A 297 8.66 -1.85 -19.28
C ASP A 297 8.01 -3.16 -19.75
N GLY A 298 7.58 -3.93 -18.77
CA GLY A 298 7.36 -5.34 -18.96
C GLY A 298 6.00 -5.84 -19.32
N LYS A 299 5.91 -6.49 -20.48
CA LYS A 299 4.81 -7.40 -20.73
C LYS A 299 5.11 -8.64 -19.92
N MET A 300 4.17 -9.03 -19.06
CA MET A 300 4.28 -10.24 -18.27
C MET A 300 4.57 -11.43 -19.18
N ILE A 301 5.52 -12.26 -18.76
CA ILE A 301 5.91 -13.43 -19.51
C ILE A 301 5.98 -14.61 -18.54
N PRO A 302 5.39 -15.76 -18.91
CA PRO A 302 5.46 -16.87 -17.95
C PRO A 302 6.91 -17.30 -17.73
N GLY A 303 7.26 -17.60 -16.48
CA GLY A 303 8.59 -18.10 -16.16
C GLY A 303 8.99 -19.26 -17.05
N SER A 304 8.02 -20.12 -17.36
CA SER A 304 8.28 -21.30 -18.18
C SER A 304 8.77 -20.96 -19.58
N GLN A 305 8.52 -19.73 -20.01
CA GLN A 305 8.81 -19.31 -21.38
C GLN A 305 10.06 -18.43 -21.49
N TYR A 306 10.89 -18.40 -20.44
CA TYR A 306 12.06 -17.53 -20.42
C TYR A 306 12.94 -17.67 -21.69
N PHE A 307 13.20 -18.90 -22.09
CA PHE A 307 14.05 -19.18 -23.25
C PHE A 307 13.30 -19.14 -24.60
N LYS A 308 11.99 -19.31 -24.56
CA LYS A 308 11.19 -19.40 -25.79
C LYS A 308 10.08 -18.35 -25.79
#